data_1NF8
#
_entry.id   1NF8
#
_cell.length_a   68.400
_cell.length_b   77.010
_cell.length_c   82.440
_cell.angle_alpha   90.00
_cell.angle_beta   90.00
_cell.angle_gamma   90.00
#
_symmetry.space_group_name_H-M   'C 2 2 21'
#
loop_
_entity.id
_entity.type
_entity.pdbx_description
1 polymer 'phenazine biosynthesis protein phzD'
2 non-polymer 'octyl beta-D-glucopyranoside'
3 non-polymer '(5S,6S)-5-[(1-carboxyethenyl)oxy]-6-hydroxycyclohexa-1,3-diene-1-carboxylic acid'
4 water water
#
_entity_poly.entity_id   1
_entity_poly.type   'polypeptide(L)'
_entity_poly.pdbx_seq_one_letter_code
;MSGIPEITAYPLPTAQQLPANLARWSLEPRRAVLLVHAMQRYFLRPLPESLRAGLVANAARLRRWCVEQGVQIAYTAQPG
SMTEEQRGLLKDFWGPGMRASPADREVVEELAPGPDDWLLTKWRYSAFFHSDLLQRMRAAGRDQLVLCGVYAHVGVLIST
VDAYSNDIQPFLVADAIADFSEAHHRMALEYAASRCAMVVTTDEVLE
;
_entity_poly.pdbx_strand_id   A
#
# COMPACT_ATOMS: atom_id res chain seq x y z
N MET A 1 20.27 1.93 11.04
CA MET A 1 20.59 1.23 9.81
C MET A 1 19.34 0.84 9.04
N SER A 2 18.39 1.74 8.87
CA SER A 2 17.08 1.44 8.32
C SER A 2 17.14 0.98 6.88
N GLY A 3 18.15 1.43 6.15
CA GLY A 3 18.24 1.11 4.73
C GLY A 3 17.41 2.06 3.88
N ILE A 4 16.65 2.93 4.55
CA ILE A 4 15.77 3.87 3.83
C ILE A 4 16.53 5.15 3.59
N PRO A 5 16.62 5.56 2.32
CA PRO A 5 17.48 6.69 1.99
C PRO A 5 16.84 8.02 2.33
N GLU A 6 17.62 9.09 2.27
CA GLU A 6 17.03 10.43 2.38
C GLU A 6 16.08 10.66 1.21
N ILE A 7 14.86 11.05 1.55
CA ILE A 7 13.81 11.30 0.56
C ILE A 7 13.57 12.80 0.40
N THR A 8 13.69 13.25 -0.83
CA THR A 8 13.42 14.59 -1.29
C THR A 8 11.99 14.77 -1.79
N ALA A 9 11.38 15.91 -1.45
CA ALA A 9 10.00 16.19 -1.81
C ALA A 9 9.77 16.08 -3.32
N TYR A 10 8.64 15.53 -3.71
CA TYR A 10 8.25 15.50 -5.12
C TYR A 10 6.73 15.50 -5.24
N PRO A 11 6.20 16.00 -6.34
CA PRO A 11 4.75 15.99 -6.51
C PRO A 11 4.15 14.62 -6.80
N LEU A 12 3.01 14.32 -6.20
CA LEU A 12 2.27 13.11 -6.57
C LEU A 12 1.75 13.26 -7.99
N PRO A 13 1.74 12.17 -8.75
CA PRO A 13 1.37 12.28 -10.17
C PRO A 13 -0.11 12.60 -10.36
N THR A 14 -0.41 13.35 -11.41
CA THR A 14 -1.75 13.70 -11.84
C THR A 14 -2.22 12.72 -12.90
N ALA A 15 -3.51 12.75 -13.17
CA ALA A 15 -4.06 11.80 -14.12
C ALA A 15 -3.32 11.88 -15.45
N GLN A 16 -2.90 13.08 -15.84
CA GLN A 16 -2.28 13.28 -17.14
C GLN A 16 -0.87 12.72 -17.20
N GLN A 17 -0.26 12.44 -16.04
CA GLN A 17 1.11 11.97 -16.04
C GLN A 17 1.23 10.45 -15.89
N LEU A 18 0.07 9.80 -15.79
CA LEU A 18 0.07 8.36 -15.63
C LEU A 18 0.34 7.64 -16.93
N PRO A 19 0.98 6.49 -16.78
CA PRO A 19 1.20 5.67 -17.96
C PRO A 19 -0.15 5.06 -18.38
N ALA A 20 -0.29 4.73 -19.66
CA ALA A 20 -1.48 4.09 -20.19
C ALA A 20 -1.68 2.69 -19.61
N ASN A 21 -2.92 2.39 -19.16
CA ASN A 21 -3.21 1.05 -18.68
C ASN A 21 -3.37 0.16 -19.91
N LEU A 22 -2.83 -1.04 -19.86
CA LEU A 22 -3.10 -2.01 -20.95
C LEU A 22 -4.30 -2.89 -20.59
N ALA A 23 -4.57 -3.10 -19.31
CA ALA A 23 -5.77 -3.81 -18.87
C ALA A 23 -7.05 -2.97 -18.94
N ARG A 24 -8.20 -3.60 -18.77
CA ARG A 24 -9.48 -2.90 -18.88
C ARG A 24 -10.38 -3.21 -17.71
N TRP A 25 -9.79 -3.39 -16.52
CA TRP A 25 -10.61 -3.79 -15.39
C TRP A 25 -11.36 -2.56 -14.88
N SER A 26 -12.50 -2.85 -14.25
CA SER A 26 -13.35 -1.83 -13.65
C SER A 26 -13.73 -2.14 -12.21
N LEU A 27 -13.47 -1.20 -11.30
CA LEU A 27 -13.66 -1.43 -9.88
C LEU A 27 -15.13 -1.52 -9.49
N GLU A 28 -15.50 -2.61 -8.84
CA GLU A 28 -16.80 -2.77 -8.22
C GLU A 28 -16.67 -2.94 -6.71
N PRO A 29 -17.20 -1.97 -5.98
CA PRO A 29 -17.10 -1.97 -4.53
C PRO A 29 -17.38 -3.33 -3.90
N ARG A 30 -18.42 -4.03 -4.36
CA ARG A 30 -18.82 -5.29 -3.76
C ARG A 30 -17.78 -6.41 -3.90
N ARG A 31 -16.87 -6.28 -4.85
CA ARG A 31 -15.81 -7.23 -5.17
C ARG A 31 -14.51 -6.89 -4.47
N ALA A 32 -14.40 -5.70 -3.87
CA ALA A 32 -13.10 -5.14 -3.54
C ALA A 32 -12.74 -5.06 -2.06
N VAL A 33 -11.42 -5.09 -1.88
CA VAL A 33 -10.74 -4.76 -0.64
C VAL A 33 -9.80 -3.57 -0.86
N LEU A 34 -9.80 -2.66 0.10
CA LEU A 34 -8.79 -1.58 0.14
C LEU A 34 -7.69 -2.03 1.10
N LEU A 35 -6.48 -2.16 0.54
CA LEU A 35 -5.28 -2.49 1.29
C LEU A 35 -4.54 -1.19 1.61
N VAL A 36 -4.54 -0.88 2.88
CA VAL A 36 -3.80 0.23 3.46
C VAL A 36 -2.45 -0.37 3.89
N HIS A 37 -1.49 -0.20 2.98
CA HIS A 37 -0.23 -0.91 3.04
C HIS A 37 0.86 -0.16 3.79
N ALA A 38 1.20 -0.67 4.96
CA ALA A 38 2.33 -0.29 5.78
C ALA A 38 2.31 1.19 6.10
N MET A 39 1.12 1.72 6.38
CA MET A 39 1.04 3.13 6.79
C MET A 39 1.32 3.31 8.27
N GLN A 40 2.43 2.81 8.75
CA GLN A 40 2.93 2.87 10.13
C GLN A 40 3.81 4.08 10.35
N ARG A 41 3.87 4.62 11.55
CA ARG A 41 4.64 5.82 11.83
C ARG A 41 6.08 5.68 11.35
N TYR A 42 6.66 4.52 11.61
CA TYR A 42 8.08 4.33 11.22
C TYR A 42 8.32 4.53 9.72
N PHE A 43 7.40 4.02 8.91
CA PHE A 43 7.63 4.12 7.46
C PHE A 43 7.30 5.49 6.90
N LEU A 44 6.50 6.29 7.58
CA LEU A 44 6.16 7.61 7.08
C LEU A 44 7.10 8.69 7.62
N ARG A 45 7.79 8.47 8.73
CA ARG A 45 8.74 9.48 9.22
C ARG A 45 9.79 9.87 8.19
N PRO A 46 10.38 8.98 7.37
CA PRO A 46 11.33 9.41 6.35
C PRO A 46 10.80 10.33 5.27
N LEU A 47 9.48 10.42 5.11
CA LEU A 47 8.94 11.27 4.07
C LEU A 47 8.99 12.74 4.48
N PRO A 48 9.33 13.64 3.58
CA PRO A 48 9.21 15.07 3.89
C PRO A 48 7.74 15.38 4.14
N GLU A 49 7.48 16.38 4.96
CA GLU A 49 6.11 16.64 5.35
C GLU A 49 5.19 16.90 4.18
N SER A 50 5.65 17.56 3.11
CA SER A 50 4.70 17.82 2.02
C SER A 50 4.16 16.54 1.38
N LEU A 51 5.07 15.59 1.23
CA LEU A 51 4.77 14.29 0.62
C LEU A 51 3.91 13.46 1.56
N ARG A 52 4.29 13.47 2.83
CA ARG A 52 3.47 12.79 3.83
C ARG A 52 2.05 13.32 3.80
N ALA A 53 1.93 14.65 3.80
CA ALA A 53 0.62 15.30 3.88
C ALA A 53 -0.26 14.95 2.67
N GLY A 54 0.33 14.98 1.48
CA GLY A 54 -0.40 14.66 0.25
C GLY A 54 -0.85 13.20 0.23
N LEU A 55 0.07 12.31 0.62
CA LEU A 55 -0.21 10.90 0.71
C LEU A 55 -1.33 10.59 1.69
N VAL A 56 -1.23 11.14 2.90
CA VAL A 56 -2.25 10.78 3.90
C VAL A 56 -3.58 11.40 3.56
N ALA A 57 -3.63 12.59 2.95
CA ALA A 57 -4.92 13.18 2.61
C ALA A 57 -5.63 12.33 1.57
N ASN A 58 -4.91 11.90 0.53
CA ASN A 58 -5.53 11.07 -0.51
C ASN A 58 -5.91 9.68 0.02
N ALA A 59 -5.10 9.07 0.87
CA ALA A 59 -5.42 7.74 1.39
C ALA A 59 -6.67 7.82 2.27
N ALA A 60 -6.77 8.94 2.99
CA ALA A 60 -7.91 9.12 3.87
C ALA A 60 -9.20 9.32 3.06
N ARG A 61 -9.12 10.09 1.99
CA ARG A 61 -10.22 10.32 1.07
C ARG A 61 -10.69 8.98 0.47
N LEU A 62 -9.63 8.25 0.07
CA LEU A 62 -9.89 6.92 -0.50
C LEU A 62 -10.57 6.03 0.51
N ARG A 63 -10.06 6.00 1.75
CA ARG A 63 -10.66 5.12 2.73
C ARG A 63 -12.11 5.53 3.02
N ARG A 64 -12.40 6.83 3.14
CA ARG A 64 -13.78 7.25 3.38
C ARG A 64 -14.72 6.83 2.25
N TRP A 65 -14.33 6.99 1.00
CA TRP A 65 -15.17 6.50 -0.10
C TRP A 65 -15.40 4.99 0.03
N CYS A 66 -14.31 4.28 0.33
CA CYS A 66 -14.40 2.82 0.38
C CYS A 66 -15.41 2.40 1.44
N VAL A 67 -15.38 3.10 2.57
CA VAL A 67 -16.33 2.73 3.64
C VAL A 67 -17.76 3.05 3.22
N GLU A 68 -17.96 4.19 2.57
CA GLU A 68 -19.27 4.60 2.11
C GLU A 68 -19.86 3.67 1.06
N GLN A 69 -18.99 3.02 0.31
CA GLN A 69 -19.39 2.17 -0.81
C GLN A 69 -19.42 0.70 -0.44
N GLY A 70 -19.03 0.35 0.78
CA GLY A 70 -19.06 -1.06 1.17
C GLY A 70 -17.85 -1.87 0.75
N VAL A 71 -16.76 -1.18 0.47
CA VAL A 71 -15.47 -1.81 0.23
C VAL A 71 -14.86 -2.23 1.57
N GLN A 72 -14.41 -3.47 1.65
CA GLN A 72 -13.75 -3.97 2.84
C GLN A 72 -12.36 -3.34 3.04
N ILE A 73 -12.10 -2.80 4.23
CA ILE A 73 -10.83 -2.19 4.52
C ILE A 73 -9.88 -3.17 5.20
N ALA A 74 -8.61 -3.12 4.80
CA ALA A 74 -7.59 -4.00 5.39
C ALA A 74 -6.29 -3.21 5.60
N TYR A 75 -5.66 -3.36 6.76
CA TYR A 75 -4.39 -2.74 7.07
C TYR A 75 -3.29 -3.79 7.19
N THR A 76 -2.11 -3.50 6.65
CA THR A 76 -0.99 -4.39 6.96
C THR A 76 0.00 -3.61 7.80
N ALA A 77 0.58 -4.32 8.75
CA ALA A 77 1.53 -3.70 9.67
C ALA A 77 2.49 -4.77 10.18
N GLN A 78 3.74 -4.45 10.27
CA GLN A 78 4.83 -5.15 10.89
C GLN A 78 4.63 -5.10 12.41
N PRO A 79 4.98 -6.22 12.99
CA PRO A 79 4.86 -6.36 14.45
C PRO A 79 5.89 -5.55 15.21
N GLY A 80 7.06 -5.33 14.59
CA GLY A 80 8.14 -4.62 15.27
C GLY A 80 8.96 -5.59 16.11
N SER A 81 10.20 -5.20 16.41
CA SER A 81 11.13 -6.01 17.18
C SER A 81 11.17 -7.45 16.70
N MET A 82 11.32 -7.61 15.38
CA MET A 82 11.38 -8.96 14.85
C MET A 82 12.59 -9.68 15.41
N THR A 83 12.42 -10.97 15.70
CA THR A 83 13.57 -11.74 16.11
C THR A 83 14.50 -11.89 14.91
N GLU A 84 15.75 -12.31 15.16
CA GLU A 84 16.67 -12.54 14.07
C GLU A 84 16.06 -13.51 13.08
N GLU A 85 15.45 -14.54 13.63
CA GLU A 85 14.86 -15.57 12.75
C GLU A 85 13.71 -14.99 11.93
N GLN A 86 12.85 -14.22 12.58
CA GLN A 86 11.73 -13.57 11.89
C GLN A 86 12.17 -12.58 10.84
N ARG A 87 13.21 -11.83 11.22
CA ARG A 87 13.76 -10.79 10.34
C ARG A 87 14.42 -11.37 9.09
N GLY A 88 15.12 -12.48 9.25
CA GLY A 88 15.81 -13.16 8.17
C GLY A 88 16.62 -12.21 7.30
N LEU A 89 16.44 -12.36 5.99
CA LEU A 89 17.28 -11.59 5.08
C LEU A 89 16.83 -10.14 4.94
N LEU A 90 15.81 -9.68 5.64
CA LEU A 90 15.52 -8.22 5.64
C LEU A 90 16.69 -7.46 6.27
N LYS A 91 17.39 -8.18 7.16
CA LYS A 91 18.50 -7.62 7.94
C LYS A 91 19.51 -7.00 6.99
N ASP A 92 19.71 -7.70 5.86
CA ASP A 92 20.82 -7.37 4.99
C ASP A 92 20.66 -6.07 4.22
N PHE A 93 19.42 -5.67 4.01
CA PHE A 93 19.10 -4.43 3.32
C PHE A 93 18.50 -3.39 4.27
N TRP A 94 17.89 -3.80 5.36
CA TRP A 94 17.05 -2.87 6.14
C TRP A 94 17.31 -2.87 7.63
N GLY A 95 18.37 -3.54 8.06
CA GLY A 95 18.75 -3.60 9.46
C GLY A 95 17.72 -4.35 10.29
N PRO A 96 17.75 -4.16 11.61
CA PRO A 96 16.84 -4.92 12.49
C PRO A 96 15.36 -4.51 12.41
N GLY A 97 15.13 -3.33 11.86
CA GLY A 97 13.83 -2.77 11.58
C GLY A 97 13.15 -2.13 12.76
N MET A 98 11.90 -1.72 12.58
CA MET A 98 11.24 -0.92 13.60
C MET A 98 11.05 -1.71 14.90
N ARG A 99 10.80 -0.93 15.95
CA ARG A 99 10.56 -1.49 17.25
C ARG A 99 9.08 -1.82 17.42
N ALA A 100 8.79 -2.72 18.35
CA ALA A 100 7.41 -3.03 18.69
C ALA A 100 6.92 -2.03 19.73
N SER A 101 6.94 -0.76 19.35
CA SER A 101 6.55 0.34 20.22
C SER A 101 5.52 1.19 19.47
N PRO A 102 4.60 1.79 20.18
CA PRO A 102 3.58 2.60 19.49
C PRO A 102 4.18 3.65 18.57
N ALA A 103 5.27 4.28 19.00
CA ALA A 103 5.95 5.31 18.21
C ALA A 103 6.39 4.80 16.84
N ASP A 104 6.69 3.52 16.71
CA ASP A 104 7.07 2.96 15.42
C ASP A 104 5.93 2.24 14.70
N ARG A 105 5.19 1.39 15.42
CA ARG A 105 4.33 0.39 14.75
C ARG A 105 2.91 0.86 14.52
N GLU A 106 2.46 1.94 15.15
CA GLU A 106 1.09 2.38 15.01
C GLU A 106 0.79 2.83 13.59
N VAL A 107 -0.41 2.49 13.17
CA VAL A 107 -0.97 3.12 11.97
C VAL A 107 -1.18 4.60 12.23
N VAL A 108 -0.85 5.48 11.31
CA VAL A 108 -0.95 6.92 11.58
C VAL A 108 -2.38 7.34 11.84
N GLU A 109 -2.61 8.26 12.78
CA GLU A 109 -3.98 8.51 13.26
C GLU A 109 -4.88 8.96 12.13
N GLU A 110 -4.36 9.61 11.10
CA GLU A 110 -5.31 10.06 10.06
C GLU A 110 -5.93 8.87 9.33
N LEU A 111 -5.40 7.66 9.47
CA LEU A 111 -5.96 6.48 8.83
C LEU A 111 -6.39 5.43 9.87
N ALA A 112 -6.74 5.89 11.07
CA ALA A 112 -7.01 5.03 12.19
C ALA A 112 -7.97 3.91 11.81
N PRO A 113 -7.58 2.66 11.99
CA PRO A 113 -8.51 1.55 11.68
C PRO A 113 -9.79 1.61 12.49
N GLY A 114 -10.85 1.10 11.89
CA GLY A 114 -12.13 0.94 12.53
C GLY A 114 -12.38 -0.50 12.95
N PRO A 115 -13.35 -0.76 13.81
CA PRO A 115 -13.60 -2.14 14.27
C PRO A 115 -13.88 -3.11 13.13
N ASP A 116 -14.31 -2.66 11.95
CA ASP A 116 -14.70 -3.70 10.98
C ASP A 116 -13.53 -4.03 10.07
N ASP A 117 -12.43 -3.30 10.29
CA ASP A 117 -11.34 -3.42 9.31
C ASP A 117 -10.41 -4.59 9.63
N TRP A 118 -9.87 -5.22 8.57
CA TRP A 118 -8.94 -6.34 8.78
C TRP A 118 -7.56 -5.86 9.22
N LEU A 119 -6.97 -6.49 10.23
CA LEU A 119 -5.61 -6.22 10.67
C LEU A 119 -4.73 -7.42 10.36
N LEU A 120 -3.85 -7.20 9.40
CA LEU A 120 -2.97 -8.21 8.86
C LEU A 120 -1.52 -7.89 9.19
N THR A 121 -0.78 -8.97 9.41
CA THR A 121 0.64 -8.82 9.72
C THR A 121 1.52 -8.79 8.48
N LYS A 122 2.45 -7.83 8.46
CA LYS A 122 3.42 -7.72 7.37
C LYS A 122 4.75 -8.33 7.81
N TRP A 123 5.19 -9.29 6.99
CA TRP A 123 6.50 -9.88 7.21
C TRP A 123 7.49 -9.54 6.10
N ARG A 124 7.03 -9.60 4.85
CA ARG A 124 7.90 -9.41 3.72
C ARG A 124 7.27 -8.44 2.72
N TYR A 125 7.89 -8.27 1.56
CA TYR A 125 7.44 -7.26 0.60
C TYR A 125 5.98 -7.45 0.22
N SER A 126 5.57 -8.68 -0.06
CA SER A 126 4.18 -8.93 -0.40
C SER A 126 3.30 -9.02 0.84
N ALA A 127 2.25 -8.21 0.85
CA ALA A 127 1.26 -8.27 1.91
C ALA A 127 0.65 -9.66 2.08
N PHE A 128 0.72 -10.54 1.10
CA PHE A 128 0.12 -11.87 1.18
C PHE A 128 1.05 -12.87 1.88
N PHE A 129 2.34 -12.52 1.94
CA PHE A 129 3.35 -13.46 2.39
C PHE A 129 3.21 -13.73 3.89
N HIS A 130 2.90 -14.98 4.20
CA HIS A 130 2.73 -15.41 5.58
C HIS A 130 1.67 -14.57 6.28
N SER A 131 0.69 -14.11 5.52
CA SER A 131 -0.49 -13.49 6.15
C SER A 131 -1.79 -14.18 5.76
N ASP A 132 -2.94 -13.80 6.35
CA ASP A 132 -4.11 -14.55 5.85
C ASP A 132 -4.99 -13.72 4.93
N LEU A 133 -4.40 -12.84 4.16
CA LEU A 133 -4.98 -11.88 3.23
C LEU A 133 -5.68 -12.68 2.14
N LEU A 134 -4.98 -13.59 1.49
CA LEU A 134 -5.61 -14.36 0.41
C LEU A 134 -6.80 -15.13 0.92
N GLN A 135 -6.59 -15.82 2.05
CA GLN A 135 -7.65 -16.66 2.61
C GLN A 135 -8.91 -15.88 2.96
N ARG A 136 -8.69 -14.68 3.54
CA ARG A 136 -9.79 -13.80 3.87
C ARG A 136 -10.50 -13.27 2.62
N MET A 137 -9.70 -12.85 1.63
CA MET A 137 -10.35 -12.38 0.41
C MET A 137 -11.20 -13.47 -0.22
N ARG A 138 -10.67 -14.68 -0.32
CA ARG A 138 -11.47 -15.79 -0.85
C ARG A 138 -12.73 -16.03 -0.03
N ALA A 139 -12.62 -16.09 1.28
CA ALA A 139 -13.80 -16.33 2.13
C ALA A 139 -14.81 -15.19 2.13
N ALA A 140 -14.40 -13.99 1.72
CA ALA A 140 -15.28 -12.83 1.64
C ALA A 140 -15.84 -12.65 0.23
N GLY A 141 -15.44 -13.54 -0.67
CA GLY A 141 -15.85 -13.36 -2.06
C GLY A 141 -15.35 -12.10 -2.70
N ARG A 142 -14.15 -11.64 -2.33
CA ARG A 142 -13.63 -10.41 -2.93
C ARG A 142 -12.42 -10.73 -3.79
N ASP A 143 -12.50 -10.26 -5.02
CA ASP A 143 -11.47 -10.58 -6.00
C ASP A 143 -10.91 -9.36 -6.71
N GLN A 144 -11.01 -8.19 -6.08
CA GLN A 144 -10.35 -6.99 -6.56
C GLN A 144 -9.64 -6.35 -5.38
N LEU A 145 -8.49 -5.72 -5.65
CA LEU A 145 -7.72 -5.12 -4.60
C LEU A 145 -7.26 -3.72 -4.99
N VAL A 146 -7.62 -2.77 -4.13
CA VAL A 146 -7.23 -1.37 -4.24
C VAL A 146 -6.09 -1.12 -3.27
N LEU A 147 -4.96 -0.62 -3.83
CA LEU A 147 -3.79 -0.48 -2.99
C LEU A 147 -3.42 1.00 -2.79
N CYS A 148 -3.12 1.34 -1.55
CA CYS A 148 -2.52 2.62 -1.19
C CYS A 148 -1.42 2.38 -0.16
N GLY A 149 -0.59 3.38 0.10
CA GLY A 149 0.45 3.21 1.12
C GLY A 149 1.87 3.34 0.61
N VAL A 150 2.83 2.79 1.33
CA VAL A 150 4.26 2.88 1.02
C VAL A 150 4.96 1.55 1.13
N TYR A 151 6.08 1.36 0.44
CA TYR A 151 6.72 2.18 -0.56
C TYR A 151 6.30 1.70 -1.95
N ALA A 152 5.97 2.59 -2.86
CA ALA A 152 5.41 2.24 -4.16
C ALA A 152 6.19 1.12 -4.87
N HIS A 153 7.50 1.27 -5.00
CA HIS A 153 8.23 0.26 -5.78
C HIS A 153 8.59 -0.98 -4.99
N VAL A 154 8.39 -0.98 -3.68
CA VAL A 154 8.78 -2.17 -2.92
C VAL A 154 7.53 -2.95 -2.57
N GLY A 155 7.02 -2.92 -1.33
CA GLY A 155 5.87 -3.72 -0.95
C GLY A 155 4.56 -3.44 -1.68
N VAL A 156 4.33 -2.17 -2.04
CA VAL A 156 3.10 -1.87 -2.78
C VAL A 156 3.11 -2.59 -4.12
N LEU A 157 4.20 -2.46 -4.86
CA LEU A 157 4.31 -3.12 -6.17
C LEU A 157 4.32 -4.63 -6.04
N ILE A 158 5.07 -5.13 -5.07
CA ILE A 158 5.16 -6.59 -4.98
C ILE A 158 3.84 -7.17 -4.54
N SER A 159 3.12 -6.48 -3.66
CA SER A 159 1.78 -6.91 -3.29
C SER A 159 0.81 -6.93 -4.46
N THR A 160 0.91 -5.91 -5.30
CA THR A 160 0.13 -5.79 -6.54
C THR A 160 0.41 -6.99 -7.44
N VAL A 161 1.70 -7.33 -7.60
CA VAL A 161 2.09 -8.47 -8.41
C VAL A 161 1.48 -9.80 -7.91
N ASP A 162 1.49 -9.93 -6.60
CA ASP A 162 0.97 -11.16 -5.96
C ASP A 162 -0.54 -11.26 -6.12
N ALA A 163 -1.24 -10.14 -5.92
CA ALA A 163 -2.68 -10.16 -6.14
C ALA A 163 -2.99 -10.58 -7.56
N TYR A 164 -2.31 -9.93 -8.50
CA TYR A 164 -2.47 -10.17 -9.93
C TYR A 164 -2.25 -11.66 -10.20
N SER A 165 -1.19 -12.18 -9.59
CA SER A 165 -0.85 -13.57 -9.82
C SER A 165 -1.95 -14.52 -9.35
N ASN A 166 -2.68 -14.16 -8.32
CA ASN A 166 -3.80 -14.92 -7.78
C ASN A 166 -5.12 -14.59 -8.47
N ASP A 167 -5.05 -13.98 -9.65
CA ASP A 167 -6.20 -13.64 -10.47
C ASP A 167 -7.14 -12.70 -9.72
N ILE A 168 -6.56 -11.87 -8.86
CA ILE A 168 -7.25 -10.75 -8.21
C ILE A 168 -6.90 -9.46 -8.94
N GLN A 169 -7.90 -8.75 -9.46
CA GLN A 169 -7.65 -7.56 -10.27
C GLN A 169 -7.20 -6.39 -9.40
N PRO A 170 -5.99 -5.88 -9.49
CA PRO A 170 -5.57 -4.72 -8.68
C PRO A 170 -5.74 -3.36 -9.36
N PHE A 171 -6.01 -2.39 -8.50
CA PHE A 171 -6.15 -0.97 -8.79
C PHE A 171 -5.15 -0.23 -7.92
N LEU A 172 -4.08 0.26 -8.55
CA LEU A 172 -3.00 0.96 -7.84
C LEU A 172 -3.29 2.45 -7.85
N VAL A 173 -3.51 3.01 -6.65
CA VAL A 173 -3.89 4.44 -6.55
C VAL A 173 -2.64 5.32 -6.52
N ALA A 174 -2.34 5.91 -7.67
CA ALA A 174 -1.05 6.52 -8.00
C ALA A 174 -0.67 7.68 -7.10
N ASP A 175 -1.69 8.37 -6.60
CA ASP A 175 -1.38 9.53 -5.76
C ASP A 175 -1.80 9.24 -4.31
N ALA A 176 -2.08 7.97 -4.00
CA ALA A 176 -2.22 7.58 -2.61
C ALA A 176 -1.18 6.57 -2.19
N ILE A 177 -0.04 6.64 -2.86
CA ILE A 177 1.19 5.95 -2.54
C ILE A 177 2.35 6.94 -2.53
N ALA A 178 3.44 6.50 -1.90
CA ALA A 178 4.64 7.33 -1.94
C ALA A 178 5.85 6.41 -1.91
N ASP A 179 6.99 6.99 -2.12
CA ASP A 179 8.18 6.24 -2.50
C ASP A 179 9.45 7.03 -2.18
N PHE A 180 10.58 6.37 -2.41
CA PHE A 180 11.91 6.92 -2.11
C PHE A 180 12.28 8.11 -2.97
N SER A 181 11.64 8.25 -4.11
CA SER A 181 11.91 9.30 -5.06
C SER A 181 10.85 9.30 -6.15
N GLU A 182 10.79 10.40 -6.87
CA GLU A 182 9.85 10.49 -7.98
C GLU A 182 10.06 9.40 -9.04
N ALA A 183 11.32 9.13 -9.36
CA ALA A 183 11.67 8.13 -10.35
C ALA A 183 11.29 6.74 -9.90
N HIS A 184 11.52 6.40 -8.64
CA HIS A 184 11.04 5.12 -8.13
C HIS A 184 9.54 4.99 -8.27
N HIS A 185 8.83 6.05 -7.89
CA HIS A 185 7.38 6.07 -7.95
C HIS A 185 6.88 5.92 -9.38
N ARG A 186 7.44 6.70 -10.30
CA ARG A 186 7.04 6.64 -11.71
C ARG A 186 7.30 5.25 -12.28
N MET A 187 8.47 4.69 -11.97
CA MET A 187 8.74 3.36 -12.50
C MET A 187 7.79 2.29 -11.94
N ALA A 188 7.42 2.39 -10.67
CA ALA A 188 6.42 1.47 -10.11
C ALA A 188 5.12 1.58 -10.88
N LEU A 189 4.71 2.80 -11.20
CA LEU A 189 3.46 2.94 -11.98
C LEU A 189 3.57 2.33 -13.38
N GLU A 190 4.73 2.51 -13.99
CA GLU A 190 4.99 2.01 -15.35
C GLU A 190 4.93 0.49 -15.39
N TYR A 191 5.56 -0.05 -14.33
CA TYR A 191 5.53 -1.50 -14.15
C TYR A 191 4.09 -1.99 -13.98
N ALA A 192 3.36 -1.39 -13.03
CA ALA A 192 2.01 -1.81 -12.73
C ALA A 192 1.13 -1.77 -13.97
N ALA A 193 1.12 -0.62 -14.65
CA ALA A 193 0.17 -0.42 -15.75
C ALA A 193 0.37 -1.38 -16.91
N SER A 194 1.58 -1.86 -17.03
CA SER A 194 1.91 -2.77 -18.14
C SER A 194 2.08 -4.22 -17.73
N ARG A 195 2.02 -4.53 -16.44
CA ARG A 195 2.30 -5.88 -15.97
C ARG A 195 1.33 -6.43 -14.94
N CYS A 196 0.58 -5.62 -14.18
CA CYS A 196 -0.25 -6.20 -13.13
C CYS A 196 -1.40 -5.38 -12.57
N ALA A 197 -1.73 -4.21 -13.04
CA ALA A 197 -2.80 -3.45 -12.39
C ALA A 197 -3.40 -2.35 -13.26
N MET A 198 -4.56 -1.87 -12.85
CA MET A 198 -5.02 -0.59 -13.39
C MET A 198 -4.43 0.52 -12.52
N VAL A 199 -3.75 1.47 -13.13
CA VAL A 199 -3.21 2.59 -12.38
C VAL A 199 -4.19 3.75 -12.50
N VAL A 200 -4.59 4.31 -11.35
CA VAL A 200 -5.67 5.30 -11.30
C VAL A 200 -5.34 6.39 -10.30
N THR A 201 -5.96 7.58 -10.36
CA THR A 201 -5.78 8.53 -9.27
C THR A 201 -6.93 8.44 -8.27
N THR A 202 -6.74 9.02 -7.07
CA THR A 202 -7.81 9.03 -6.07
C THR A 202 -9.11 9.60 -6.63
N ASP A 203 -9.06 10.71 -7.35
CA ASP A 203 -10.27 11.29 -7.95
C ASP A 203 -10.97 10.32 -8.89
N GLU A 204 -10.21 9.53 -9.61
CA GLU A 204 -10.69 8.61 -10.63
C GLU A 204 -11.43 7.49 -9.91
N VAL A 205 -10.93 7.09 -8.74
CA VAL A 205 -11.69 6.12 -7.95
C VAL A 205 -13.02 6.66 -7.41
N LEU A 206 -13.02 7.90 -6.96
CA LEU A 206 -14.17 8.56 -6.36
C LEU A 206 -15.21 9.06 -7.37
N GLU A 207 -14.80 8.96 -8.59
CA GLU A 207 -15.27 8.99 -9.95
C GLU A 207 -15.02 10.36 -10.58
#